data_4E01
#
_entry.id   4E01
#
_cell.length_a   127.277
_cell.length_b   127.277
_cell.length_c   73.994
_cell.angle_alpha   90.00
_cell.angle_beta   90.00
_cell.angle_gamma   90.00
#
_symmetry.space_group_name_H-M   'P 42 21 2'
#
loop_
_entity.id
_entity.type
_entity.pdbx_description
1 polymer '[3-methyl-2-oxobutanoate dehydrogenase [lipoamide]] kinase, mitochondrial'
2 non-polymer '3,6-dichloro-1-benzothiophene-2-carboxylic acid'
3 non-polymer 'MAGNESIUM ION'
4 non-polymer 'POTASSIUM ION'
5 non-polymer 'PHOSPHOAMINOPHOSPHONIC ACID-ADENYLATE ESTER'
6 water water
#
_entity_poly.entity_id   1
_entity_poly.type   'polypeptide(L)'
_entity_poly.pdbx_seq_one_letter_code
;MILTSVLGSGPRSGSSLWPLLGSSLSLRVRSTSATDTHHVELARERSKTVTSFYNQSAIDVVAEKPSVRLTPTMMLYSGR
SQDGSHLLKSGRYLQQELPVRIAHRIKGFRSLPFIIGCNPTILHVHELYIRAFQKLTDFPPIKDQADEAQYCQLVRQLLD
DHKDVVTLLAEGLRESRKHIEDEKLVRYFLDKTLTSRLGIRMLATHHLALHEDKPDFVGIICTRLSPKKIIEKWVDFARR
LCEHKYGNAPRVRINGHVAARFPFIPMPLDYILPELLKNAMRATMESHLDTPYNVPDVVITIANNDVDLIIRISDRGGGI
AHKDLDRVMDYHFTTAEASTQDPRISPLFGHLDMHSGGQSGPMHGFGFGLPTSRAYAEYLGGSLQLQSLQGIGTDVYLRL
RHIDGREESFRIHHHHHH
;
_entity_poly.pdbx_strand_id   A
#
loop_
_chem_comp.id
_chem_comp.type
_chem_comp.name
_chem_comp.formula
0F1 non-polymer '3,6-dichloro-1-benzothiophene-2-carboxylic acid' 'C9 H4 Cl2 O2 S'
ANP non-polymer 'PHOSPHOAMINOPHOSPHONIC ACID-ADENYLATE ESTER' 'C10 H17 N6 O12 P3'
K non-polymer 'POTASSIUM ION' 'K 1'
MG non-polymer 'MAGNESIUM ION' 'Mg 2'
#
# COMPACT_ATOMS: atom_id res chain seq x y z
N LEU A 70 10.96 9.74 8.91
CA LEU A 70 11.63 8.55 8.40
C LEU A 70 10.73 7.31 8.39
N THR A 71 11.16 6.31 7.61
CA THR A 71 10.48 5.03 7.53
C THR A 71 11.54 3.94 7.71
N PRO A 72 11.17 2.65 7.55
CA PRO A 72 12.16 1.58 7.80
C PRO A 72 13.48 1.67 7.03
N THR A 73 14.59 1.83 7.77
CA THR A 73 15.94 1.91 7.23
C THR A 73 16.03 2.96 6.12
N MET A 74 15.05 3.84 6.09
CA MET A 74 14.86 4.77 4.99
C MET A 74 14.36 6.10 5.53
N MET A 75 14.97 7.20 5.09
CA MET A 75 14.55 8.50 5.57
C MET A 75 13.95 9.35 4.45
N LEU A 76 12.84 10.01 4.78
CA LEU A 76 12.22 10.97 3.87
C LEU A 76 12.69 12.38 4.25
N TYR A 77 13.51 12.97 3.39
CA TYR A 77 14.13 14.26 3.66
C TYR A 77 13.13 15.41 3.62
N SER A 78 12.95 16.09 4.75
CA SER A 78 11.98 17.17 4.84
C SER A 78 12.64 18.54 4.67
N GLY A 79 13.90 18.53 4.26
CA GLY A 79 14.66 19.76 4.12
C GLY A 79 14.19 20.66 2.99
N ARG A 80 14.23 21.96 3.24
CA ARG A 80 13.97 22.96 2.21
C ARG A 80 15.21 23.84 2.10
N SER A 81 15.50 24.31 0.89
CA SER A 81 16.69 25.13 0.70
C SER A 81 16.52 26.15 -0.42
N GLN A 82 17.14 27.32 -0.24
CA GLN A 82 17.03 28.41 -1.19
C GLN A 82 17.60 28.07 -2.56
N ASP A 83 18.84 27.59 -2.59
CA ASP A 83 19.53 27.30 -3.84
C ASP A 83 18.97 26.08 -4.56
N GLY A 84 18.13 25.31 -3.87
CA GLY A 84 17.60 24.08 -4.43
C GLY A 84 18.59 22.94 -4.23
N SER A 85 19.58 23.19 -3.37
CA SER A 85 20.60 22.20 -3.06
C SER A 85 20.00 20.94 -2.43
N HIS A 86 18.80 21.07 -1.89
CA HIS A 86 18.15 19.95 -1.23
C HIS A 86 17.62 18.94 -2.25
N LEU A 87 17.32 19.41 -3.46
CA LEU A 87 16.91 18.53 -4.53
C LEU A 87 18.08 17.68 -4.99
N LEU A 88 19.26 18.32 -5.06
CA LEU A 88 20.49 17.61 -5.38
C LEU A 88 20.77 16.55 -4.32
N LYS A 89 20.67 16.94 -3.06
CA LYS A 89 20.92 16.01 -1.97
C LYS A 89 19.95 14.84 -2.03
N SER A 90 18.68 15.14 -2.27
CA SER A 90 17.66 14.10 -2.39
C SER A 90 17.97 13.13 -3.52
N GLY A 91 18.23 13.66 -4.71
CA GLY A 91 18.53 12.84 -5.87
C GLY A 91 19.73 11.95 -5.64
N ARG A 92 20.78 12.52 -5.04
CA ARG A 92 21.98 11.76 -4.73
C ARG A 92 21.64 10.65 -3.75
N TYR A 93 20.76 10.93 -2.80
CA TYR A 93 20.35 9.92 -1.82
C TYR A 93 19.66 8.74 -2.51
N LEU A 94 18.68 9.04 -3.36
CA LEU A 94 18.01 8.01 -4.15
C LEU A 94 19.00 7.14 -4.93
N GLN A 95 20.02 7.78 -5.50
CA GLN A 95 20.98 7.07 -6.34
C GLN A 95 21.88 6.13 -5.55
N GLN A 96 22.01 6.36 -4.26
CA GLN A 96 22.76 5.44 -3.41
C GLN A 96 21.82 4.37 -2.88
N GLU A 97 20.58 4.75 -2.59
CA GLU A 97 19.64 3.88 -1.90
C GLU A 97 18.91 2.89 -2.82
N LEU A 98 18.36 3.37 -3.93
CA LEU A 98 17.50 2.53 -4.77
C LEU A 98 18.20 1.32 -5.43
N PRO A 99 19.37 1.53 -6.02
CA PRO A 99 19.99 0.37 -6.69
C PRO A 99 20.20 -0.81 -5.74
N VAL A 100 20.59 -0.54 -4.51
CA VAL A 100 20.78 -1.59 -3.51
C VAL A 100 19.47 -2.32 -3.23
N ARG A 101 18.40 -1.56 -3.06
CA ARG A 101 17.10 -2.15 -2.78
C ARG A 101 16.58 -2.97 -3.95
N ILE A 102 16.74 -2.45 -5.16
CA ILE A 102 16.37 -3.21 -6.35
C ILE A 102 17.22 -4.48 -6.44
N ALA A 103 18.52 -4.35 -6.18
CA ALA A 103 19.41 -5.51 -6.21
C ALA A 103 18.95 -6.62 -5.27
N HIS A 104 18.47 -6.24 -4.08
CA HIS A 104 17.97 -7.21 -3.13
C HIS A 104 16.71 -7.90 -3.66
N ARG A 105 15.86 -7.16 -4.35
CA ARG A 105 14.66 -7.75 -4.91
C ARG A 105 15.03 -8.70 -6.07
N ILE A 106 16.04 -8.34 -6.85
CA ILE A 106 16.51 -9.22 -7.91
C ILE A 106 17.03 -10.54 -7.32
N LYS A 107 17.74 -10.45 -6.20
CA LYS A 107 18.22 -11.67 -5.54
C LYS A 107 17.02 -12.50 -5.10
N GLY A 108 15.97 -11.82 -4.67
CA GLY A 108 14.71 -12.46 -4.33
C GLY A 108 14.08 -13.24 -5.49
N PHE A 109 14.07 -12.66 -6.68
CA PHE A 109 13.60 -13.37 -7.87
C PHE A 109 14.46 -14.58 -8.18
N ARG A 110 15.77 -14.42 -8.03
CA ARG A 110 16.71 -15.48 -8.35
C ARG A 110 16.57 -16.69 -7.43
N SER A 111 16.07 -16.46 -6.23
CA SER A 111 15.89 -17.52 -5.25
C SER A 111 14.50 -18.14 -5.27
N LEU A 112 13.58 -17.57 -6.04
CA LEU A 112 12.24 -18.15 -6.16
C LEU A 112 12.38 -19.60 -6.60
N PRO A 113 11.50 -20.48 -6.11
CA PRO A 113 11.49 -21.86 -6.63
C PRO A 113 11.46 -21.86 -8.15
N PHE A 114 12.27 -22.72 -8.74
CA PHE A 114 12.45 -22.80 -10.19
C PHE A 114 11.15 -22.71 -10.97
N ILE A 115 10.16 -23.50 -10.56
CA ILE A 115 8.93 -23.64 -11.32
C ILE A 115 8.12 -22.33 -11.30
N ILE A 116 8.25 -21.56 -10.23
CA ILE A 116 7.64 -20.24 -10.17
C ILE A 116 8.45 -19.23 -10.96
N GLY A 117 9.78 -19.26 -10.77
CA GLY A 117 10.65 -18.35 -11.48
C GLY A 117 10.55 -18.50 -12.99
N CYS A 118 10.12 -19.69 -13.43
CA CYS A 118 9.98 -19.96 -14.86
C CYS A 118 8.70 -19.42 -15.49
N ASN A 119 7.73 -19.07 -14.65
CA ASN A 119 6.48 -18.50 -15.12
C ASN A 119 6.76 -17.25 -15.95
N PRO A 120 6.13 -17.13 -17.13
CA PRO A 120 6.48 -16.00 -18.00
C PRO A 120 6.15 -14.64 -17.40
N THR A 121 5.08 -14.55 -16.63
CA THR A 121 4.73 -13.27 -16.01
C THR A 121 5.72 -12.94 -14.88
N ILE A 122 6.13 -13.95 -14.11
CA ILE A 122 7.16 -13.73 -13.09
C ILE A 122 8.46 -13.29 -13.77
N LEU A 123 8.81 -13.97 -14.86
CA LEU A 123 10.00 -13.62 -15.63
C LEU A 123 9.96 -12.17 -16.13
N HIS A 124 8.80 -11.73 -16.57
CA HIS A 124 8.62 -10.36 -17.00
C HIS A 124 8.96 -9.35 -15.87
N VAL A 125 8.45 -9.61 -14.67
CA VAL A 125 8.69 -8.71 -13.55
C VAL A 125 10.16 -8.77 -13.16
N HIS A 126 10.71 -9.97 -13.14
CA HIS A 126 12.12 -10.16 -12.87
C HIS A 126 12.95 -9.27 -13.82
N GLU A 127 12.67 -9.38 -15.11
CA GLU A 127 13.33 -8.55 -16.12
C GLU A 127 13.12 -7.05 -15.91
N LEU A 128 11.90 -6.64 -15.53
CA LEU A 128 11.64 -5.23 -15.23
C LEU A 128 12.57 -4.72 -14.14
N TYR A 129 12.73 -5.53 -13.09
CA TYR A 129 13.61 -5.15 -11.99
C TYR A 129 15.08 -5.07 -12.42
N ILE A 130 15.51 -5.99 -13.27
CA ILE A 130 16.86 -5.96 -13.78
C ILE A 130 17.06 -4.67 -14.59
N ARG A 131 16.06 -4.36 -15.42
CA ARG A 131 16.10 -3.17 -16.25
C ARG A 131 16.12 -1.89 -15.40
N ALA A 132 15.35 -1.87 -14.33
CA ALA A 132 15.37 -0.75 -13.39
C ALA A 132 16.77 -0.59 -12.78
N PHE A 133 17.34 -1.70 -12.34
CA PHE A 133 18.70 -1.65 -11.80
C PHE A 133 19.69 -1.10 -12.81
N GLN A 134 19.61 -1.60 -14.04
CA GLN A 134 20.51 -1.16 -15.09
C GLN A 134 20.40 0.34 -15.39
N LYS A 135 19.18 0.85 -15.46
CA LYS A 135 18.96 2.25 -15.77
C LYS A 135 19.45 3.18 -14.67
N LEU A 136 19.20 2.81 -13.42
CA LEU A 136 19.64 3.64 -12.31
C LEU A 136 21.14 3.65 -12.25
N THR A 137 21.75 2.48 -12.44
CA THR A 137 23.19 2.38 -12.33
C THR A 137 23.87 3.02 -13.53
N ASP A 138 23.21 3.02 -14.68
CA ASP A 138 23.75 3.68 -15.87
C ASP A 138 23.71 5.21 -15.76
N PHE A 139 22.78 5.73 -14.97
CA PHE A 139 22.61 7.18 -14.87
C PHE A 139 23.82 7.83 -14.21
N PRO A 140 24.38 8.87 -14.86
CA PRO A 140 25.60 9.50 -14.35
C PRO A 140 25.41 10.13 -12.98
N PRO A 141 26.52 10.38 -12.27
CA PRO A 141 26.51 11.08 -11.00
C PRO A 141 25.76 12.41 -11.12
N ILE A 142 24.87 12.68 -10.18
CA ILE A 142 24.09 13.91 -10.20
C ILE A 142 24.95 15.09 -9.71
N LYS A 143 25.29 16.00 -10.62
CA LYS A 143 26.14 17.13 -10.28
C LYS A 143 25.40 18.46 -10.13
N ASP A 144 24.34 18.66 -10.91
CA ASP A 144 23.68 19.96 -10.95
C ASP A 144 22.18 19.81 -11.20
N GLN A 145 21.46 20.94 -11.20
CA GLN A 145 20.01 20.89 -11.36
C GLN A 145 19.61 20.28 -12.69
N ALA A 146 20.46 20.49 -13.71
CA ALA A 146 20.23 19.90 -15.02
C ALA A 146 20.17 18.38 -14.95
N ASP A 147 21.17 17.77 -14.33
CA ASP A 147 21.17 16.33 -14.11
C ASP A 147 19.96 15.88 -13.31
N GLU A 148 19.67 16.59 -12.23
CA GLU A 148 18.56 16.21 -11.35
C GLU A 148 17.23 16.22 -12.12
N ALA A 149 17.06 17.21 -12.99
CA ALA A 149 15.85 17.29 -13.80
C ALA A 149 15.70 16.05 -14.68
N GLN A 150 16.80 15.64 -15.30
CA GLN A 150 16.81 14.43 -16.12
C GLN A 150 16.53 13.20 -15.27
N TYR A 151 17.15 13.14 -14.10
CA TYR A 151 16.92 12.03 -13.17
C TYR A 151 15.44 11.86 -12.85
N CYS A 152 14.73 12.97 -12.65
CA CYS A 152 13.31 12.91 -12.32
C CYS A 152 12.50 12.28 -13.45
N GLN A 153 12.94 12.50 -14.68
CA GLN A 153 12.32 11.87 -15.84
C GLN A 153 12.44 10.35 -15.77
N LEU A 154 13.62 9.87 -15.40
CA LEU A 154 13.85 8.44 -15.28
C LEU A 154 13.00 7.88 -14.15
N VAL A 155 12.95 8.61 -13.03
CA VAL A 155 12.16 8.18 -11.89
C VAL A 155 10.68 8.07 -12.27
N ARG A 156 10.15 9.10 -12.93
CA ARG A 156 8.76 9.06 -13.38
CA ARG A 156 8.77 9.08 -13.40
C ARG A 156 8.51 7.87 -14.29
N GLN A 157 9.43 7.63 -15.23
CA GLN A 157 9.32 6.49 -16.14
C GLN A 157 9.23 5.15 -15.40
N LEU A 158 10.14 4.94 -14.46
CA LEU A 158 10.16 3.68 -13.72
C LEU A 158 8.91 3.51 -12.87
N LEU A 159 8.50 4.57 -12.18
CA LEU A 159 7.28 4.50 -11.37
C LEU A 159 6.13 4.01 -12.24
N ASP A 160 6.08 4.52 -13.47
CA ASP A 160 5.00 4.21 -14.40
C ASP A 160 5.15 2.80 -14.98
N ASP A 161 6.37 2.46 -15.40
CA ASP A 161 6.64 1.13 -15.95
C ASP A 161 6.31 0.02 -14.95
N HIS A 162 6.44 0.34 -13.66
CA HIS A 162 6.24 -0.65 -12.60
C HIS A 162 4.88 -0.55 -11.91
N LYS A 163 3.95 0.23 -12.44
CA LYS A 163 2.72 0.51 -11.71
C LYS A 163 1.79 -0.71 -11.55
N ASP A 164 1.90 -1.67 -12.46
CA ASP A 164 1.06 -2.87 -12.41
C ASP A 164 1.80 -4.09 -11.81
N VAL A 165 2.90 -3.86 -11.12
CA VAL A 165 3.72 -4.98 -10.63
C VAL A 165 2.97 -5.90 -9.66
N VAL A 166 2.17 -5.34 -8.75
CA VAL A 166 1.46 -6.20 -7.80
C VAL A 166 0.53 -7.17 -8.53
N THR A 167 -0.19 -6.63 -9.52
CA THR A 167 -1.08 -7.42 -10.36
C THR A 167 -0.34 -8.52 -11.12
N LEU A 168 0.81 -8.17 -11.70
CA LEU A 168 1.63 -9.13 -12.44
C LEU A 168 2.09 -10.27 -11.53
N LEU A 169 2.57 -9.93 -10.33
CA LEU A 169 3.00 -10.95 -9.38
C LEU A 169 1.84 -11.83 -8.95
N ALA A 170 0.69 -11.22 -8.68
CA ALA A 170 -0.50 -11.97 -8.28
C ALA A 170 -0.83 -13.00 -9.35
N GLU A 171 -0.82 -12.54 -10.60
CA GLU A 171 -1.13 -13.40 -11.74
C GLU A 171 -0.09 -14.52 -11.93
N GLY A 172 1.19 -14.14 -11.95
CA GLY A 172 2.25 -15.11 -12.17
C GLY A 172 2.36 -16.15 -11.07
N LEU A 173 1.90 -15.79 -9.87
CA LEU A 173 2.03 -16.66 -8.71
C LEU A 173 0.82 -17.57 -8.52
N ARG A 174 -0.32 -17.18 -9.06
CA ARG A 174 -1.58 -17.85 -8.75
C ARG A 174 -1.52 -19.37 -8.94
N GLU A 175 -1.14 -19.81 -10.14
CA GLU A 175 -1.07 -21.23 -10.44
C GLU A 175 0.23 -21.86 -9.96
N SER A 176 1.34 -21.20 -10.29
CA SER A 176 2.66 -21.76 -10.05
C SER A 176 2.99 -22.04 -8.58
N ARG A 177 2.34 -21.34 -7.66
CA ARG A 177 2.64 -21.54 -6.24
C ARG A 177 2.10 -22.85 -5.71
N LYS A 178 1.15 -23.43 -6.43
CA LYS A 178 0.57 -24.71 -6.03
C LYS A 178 1.58 -25.86 -6.19
N HIS A 179 2.54 -25.67 -7.08
CA HIS A 179 3.45 -26.75 -7.49
C HIS A 179 4.66 -26.94 -6.58
N ILE A 180 4.78 -26.11 -5.56
CA ILE A 180 5.85 -26.28 -4.59
C ILE A 180 5.25 -26.80 -3.29
N GLU A 181 6.09 -27.14 -2.32
CA GLU A 181 5.59 -27.69 -1.07
C GLU A 181 5.48 -26.65 0.04
N ASP A 182 6.59 -25.98 0.33
CA ASP A 182 6.62 -24.96 1.38
C ASP A 182 5.77 -23.75 0.99
N GLU A 183 4.55 -23.69 1.50
CA GLU A 183 3.64 -22.58 1.17
C GLU A 183 4.05 -21.29 1.84
N LYS A 184 4.77 -21.40 2.95
CA LYS A 184 5.29 -20.23 3.62
C LYS A 184 6.18 -19.41 2.68
N LEU A 185 6.72 -20.08 1.65
CA LEU A 185 7.67 -19.45 0.75
C LEU A 185 7.09 -18.24 0.00
N VAL A 186 5.94 -18.43 -0.62
CA VAL A 186 5.33 -17.35 -1.38
C VAL A 186 4.92 -16.17 -0.50
N ARG A 187 4.36 -16.48 0.66
CA ARG A 187 4.00 -15.44 1.63
C ARG A 187 5.20 -14.57 1.98
N TYR A 188 6.31 -15.22 2.32
CA TYR A 188 7.53 -14.50 2.64
C TYR A 188 8.02 -13.66 1.46
N PHE A 189 8.09 -14.27 0.28
CA PHE A 189 8.49 -13.53 -0.92
C PHE A 189 7.60 -12.31 -1.23
N LEU A 190 6.29 -12.51 -1.18
CA LEU A 190 5.38 -11.41 -1.45
C LEU A 190 5.46 -10.32 -0.36
N ASP A 191 5.43 -10.72 0.91
CA ASP A 191 5.59 -9.73 1.98
C ASP A 191 6.84 -8.90 1.76
N LYS A 192 7.98 -9.58 1.59
CA LYS A 192 9.24 -8.88 1.42
C LYS A 192 9.25 -8.03 0.14
N THR A 193 8.80 -8.61 -0.96
CA THR A 193 8.83 -7.90 -2.23
C THR A 193 7.87 -6.70 -2.28
N LEU A 194 6.64 -6.88 -1.81
CA LEU A 194 5.66 -5.79 -1.89
C LEU A 194 5.99 -4.64 -0.94
N THR A 195 6.47 -4.96 0.25
CA THR A 195 6.85 -3.91 1.20
C THR A 195 8.11 -3.15 0.74
N SER A 196 9.12 -3.86 0.24
CA SER A 196 10.30 -3.21 -0.31
C SER A 196 9.87 -2.27 -1.44
N ARG A 197 8.96 -2.76 -2.28
CA ARG A 197 8.41 -1.95 -3.36
C ARG A 197 7.69 -0.71 -2.85
N LEU A 198 6.86 -0.85 -1.82
CA LEU A 198 6.18 0.31 -1.24
C LEU A 198 7.22 1.34 -0.81
N GLY A 199 8.28 0.87 -0.16
CA GLY A 199 9.35 1.74 0.28
C GLY A 199 10.01 2.45 -0.89
N ILE A 200 10.34 1.69 -1.92
CA ILE A 200 10.94 2.28 -3.12
C ILE A 200 10.02 3.37 -3.70
N ARG A 201 8.74 3.04 -3.84
CA ARG A 201 7.80 4.01 -4.39
C ARG A 201 7.62 5.25 -3.51
N MET A 202 7.63 5.07 -2.19
CA MET A 202 7.53 6.22 -1.29
C MET A 202 8.72 7.17 -1.47
N LEU A 203 9.91 6.60 -1.55
CA LEU A 203 11.11 7.40 -1.66
C LEU A 203 11.13 8.14 -3.01
N ALA A 204 10.84 7.40 -4.08
CA ALA A 204 10.82 7.99 -5.42
C ALA A 204 9.77 9.10 -5.51
N THR A 205 8.55 8.80 -5.08
CA THR A 205 7.47 9.78 -5.12
C THR A 205 7.74 11.00 -4.25
N HIS A 206 8.36 10.78 -3.08
CA HIS A 206 8.77 11.88 -2.22
C HIS A 206 9.72 12.80 -2.97
N HIS A 207 10.73 12.22 -3.62
CA HIS A 207 11.70 13.05 -4.33
C HIS A 207 11.03 13.94 -5.37
N LEU A 208 10.15 13.34 -6.16
CA LEU A 208 9.45 14.09 -7.20
C LEU A 208 8.58 15.19 -6.57
N ALA A 209 7.96 14.86 -5.45
CA ALA A 209 7.03 15.77 -4.80
C ALA A 209 7.76 16.95 -4.18
N LEU A 210 9.05 16.77 -3.92
CA LEU A 210 9.84 17.87 -3.34
C LEU A 210 9.90 19.06 -4.28
N HIS A 211 9.61 18.83 -5.56
CA HIS A 211 9.55 19.90 -6.54
C HIS A 211 8.23 20.66 -6.45
N GLU A 212 7.21 20.03 -5.86
CA GLU A 212 5.87 20.61 -5.81
C GLU A 212 5.76 21.73 -4.79
N ASP A 213 4.77 22.59 -4.99
CA ASP A 213 4.45 23.58 -3.98
C ASP A 213 2.99 23.45 -3.58
N LYS A 214 2.68 22.34 -2.91
CA LYS A 214 1.37 22.12 -2.33
C LYS A 214 1.41 22.64 -0.90
N PRO A 215 0.41 23.45 -0.52
CA PRO A 215 0.34 23.82 0.89
C PRO A 215 0.11 22.57 1.74
N ASP A 216 0.70 22.54 2.93
CA ASP A 216 0.50 21.44 3.87
C ASP A 216 1.26 20.18 3.48
N PHE A 217 2.12 20.28 2.46
CA PHE A 217 2.98 19.14 2.09
C PHE A 217 4.45 19.49 2.02
N VAL A 218 5.27 18.58 2.52
CA VAL A 218 6.71 18.60 2.25
C VAL A 218 7.01 17.27 1.60
N GLY A 219 7.20 17.26 0.28
CA GLY A 219 7.29 16.01 -0.44
C GLY A 219 5.96 15.28 -0.32
N ILE A 220 5.99 14.00 0.05
CA ILE A 220 4.76 13.26 0.26
C ILE A 220 4.31 13.30 1.73
N ILE A 221 5.04 14.05 2.56
CA ILE A 221 4.66 14.19 3.95
C ILE A 221 3.64 15.32 4.10
N CYS A 222 2.45 14.98 4.57
CA CYS A 222 1.45 15.99 4.87
C CYS A 222 1.69 16.51 6.27
N THR A 223 1.75 17.83 6.41
CA THR A 223 2.10 18.43 7.69
C THR A 223 0.88 18.58 8.59
N ARG A 224 -0.31 18.39 8.03
CA ARG A 224 -1.53 18.49 8.82
C ARG A 224 -2.63 17.59 8.24
N LEU A 225 -2.37 16.29 8.20
CA LEU A 225 -3.33 15.34 7.67
C LEU A 225 -4.53 15.18 8.58
N SER A 226 -5.71 15.20 7.98
CA SER A 226 -6.94 14.86 8.68
C SER A 226 -7.32 13.43 8.35
N PRO A 227 -7.33 12.54 9.35
CA PRO A 227 -7.71 11.16 9.02
C PRO A 227 -9.17 11.11 8.54
N LYS A 228 -10.01 11.98 9.07
CA LYS A 228 -11.40 11.99 8.64
C LYS A 228 -11.52 12.28 7.15
N LYS A 229 -10.75 13.26 6.68
CA LYS A 229 -10.79 13.66 5.27
C LYS A 229 -10.29 12.57 4.34
N ILE A 230 -9.17 11.95 4.69
CA ILE A 230 -8.66 10.90 3.81
C ILE A 230 -9.58 9.68 3.85
N ILE A 231 -10.15 9.39 5.01
CA ILE A 231 -11.15 8.33 5.08
C ILE A 231 -12.35 8.63 4.17
N GLU A 232 -12.87 9.85 4.25
CA GLU A 232 -14.00 10.25 3.41
C GLU A 232 -13.69 10.13 1.93
N LYS A 233 -12.46 10.46 1.54
CA LYS A 233 -12.04 10.31 0.15
C LYS A 233 -12.19 8.86 -0.31
N TRP A 234 -11.72 7.93 0.52
CA TRP A 234 -11.75 6.53 0.09
C TRP A 234 -13.14 5.92 0.29
N VAL A 235 -13.91 6.49 1.21
CA VAL A 235 -15.30 6.06 1.38
C VAL A 235 -16.07 6.35 0.08
N ASP A 236 -15.96 7.57 -0.43
CA ASP A 236 -16.63 7.92 -1.68
C ASP A 236 -16.23 7.00 -2.83
N PHE A 237 -14.92 6.72 -2.93
CA PHE A 237 -14.40 5.80 -3.94
C PHE A 237 -14.99 4.39 -3.83
N ALA A 238 -14.98 3.83 -2.64
CA ALA A 238 -15.47 2.47 -2.42
C ALA A 238 -16.99 2.39 -2.62
N ARG A 239 -17.69 3.44 -2.19
CA ARG A 239 -19.14 3.47 -2.35
C ARG A 239 -19.53 3.50 -3.82
N ARG A 240 -18.74 4.20 -4.64
CA ARG A 240 -18.98 4.26 -6.07
C ARG A 240 -18.84 2.87 -6.70
N LEU A 241 -17.77 2.17 -6.36
CA LEU A 241 -17.55 0.82 -6.88
C LEU A 241 -18.68 -0.09 -6.44
N CYS A 242 -18.98 -0.05 -5.15
CA CYS A 242 -20.04 -0.88 -4.58
C CYS A 242 -21.39 -0.61 -5.23
N GLU A 243 -21.74 0.67 -5.37
CA GLU A 243 -23.01 1.07 -5.98
C GLU A 243 -23.11 0.57 -7.42
N HIS A 244 -21.99 0.59 -8.12
CA HIS A 244 -21.96 0.15 -9.51
C HIS A 244 -22.23 -1.34 -9.59
N LYS A 245 -21.80 -2.08 -8.56
CA LYS A 245 -21.96 -3.53 -8.55
C LYS A 245 -23.29 -3.99 -7.95
N TYR A 246 -23.75 -3.32 -6.90
CA TYR A 246 -24.93 -3.81 -6.17
C TYR A 246 -26.16 -2.91 -6.24
N GLY A 247 -26.02 -1.73 -6.83
CA GLY A 247 -27.16 -0.83 -6.95
C GLY A 247 -27.32 0.07 -5.75
N ASN A 248 -26.52 -0.20 -4.72
CA ASN A 248 -26.52 0.55 -3.47
C ASN A 248 -25.19 0.30 -2.75
N ALA A 249 -24.95 1.03 -1.67
CA ALA A 249 -23.74 0.85 -0.87
C ALA A 249 -24.05 1.29 0.55
N PRO A 250 -23.41 0.65 1.54
CA PRO A 250 -23.69 1.10 2.89
C PRO A 250 -23.22 2.53 3.09
N ARG A 251 -23.92 3.29 3.92
CA ARG A 251 -23.41 4.59 4.34
C ARG A 251 -22.29 4.32 5.32
N VAL A 252 -21.41 5.30 5.50
CA VAL A 252 -20.34 5.19 6.47
C VAL A 252 -20.45 6.31 7.48
N ARG A 253 -20.43 5.95 8.77
CA ARG A 253 -20.40 6.95 9.82
C ARG A 253 -19.00 6.98 10.38
N ILE A 254 -18.49 8.17 10.65
CA ILE A 254 -17.16 8.30 11.23
C ILE A 254 -17.26 8.96 12.60
N ASN A 255 -16.67 8.33 13.61
CA ASN A 255 -16.70 8.92 14.95
C ASN A 255 -15.34 8.87 15.64
N GLY A 256 -15.30 9.25 16.91
CA GLY A 256 -14.03 9.37 17.62
C GLY A 256 -13.36 10.71 17.39
N HIS A 257 -12.05 10.68 17.16
CA HIS A 257 -11.27 11.92 17.02
C HIS A 257 -11.38 12.49 15.60
N VAL A 258 -12.60 12.91 15.25
CA VAL A 258 -12.90 13.39 13.91
C VAL A 258 -12.20 14.69 13.54
N ALA A 259 -11.74 15.43 14.55
CA ALA A 259 -11.11 16.72 14.30
C ALA A 259 -9.60 16.63 14.33
N ALA A 260 -9.07 15.41 14.50
CA ALA A 260 -7.63 15.23 14.59
C ALA A 260 -6.90 15.75 13.35
N ARG A 261 -5.76 16.39 13.59
CA ARG A 261 -4.87 16.79 12.51
C ARG A 261 -3.43 16.67 12.98
N PHE A 262 -2.59 16.06 12.14
CA PHE A 262 -1.19 15.83 12.48
C PHE A 262 -0.36 15.50 11.25
N PRO A 263 0.97 15.67 11.35
CA PRO A 263 1.89 15.28 10.27
C PRO A 263 1.76 13.80 10.00
N PHE A 264 1.72 13.43 8.72
CA PHE A 264 1.53 12.03 8.38
C PHE A 264 1.79 11.81 6.90
N ILE A 265 2.20 10.60 6.55
CA ILE A 265 2.37 10.25 5.15
C ILE A 265 1.12 9.53 4.67
N PRO A 266 0.33 10.18 3.79
CA PRO A 266 -0.92 9.59 3.31
C PRO A 266 -0.74 8.29 2.52
N MET A 267 0.37 8.14 1.81
CA MET A 267 0.48 7.06 0.83
C MET A 267 0.01 5.67 1.30
N PRO A 268 0.50 5.22 2.46
CA PRO A 268 0.03 3.90 2.92
C PRO A 268 -1.48 3.84 3.15
N LEU A 269 -2.05 4.94 3.66
CA LEU A 269 -3.50 4.96 3.86
C LEU A 269 -4.22 4.84 2.52
N ASP A 270 -3.67 5.47 1.49
CA ASP A 270 -4.27 5.41 0.16
C ASP A 270 -4.27 3.97 -0.39
N TYR A 271 -3.27 3.18 -0.01
CA TYR A 271 -3.22 1.77 -0.39
C TYR A 271 -4.22 0.97 0.46
N ILE A 272 -4.14 1.13 1.77
CA ILE A 272 -4.88 0.28 2.70
C ILE A 272 -6.37 0.62 2.84
N LEU A 273 -6.71 1.90 2.98
CA LEU A 273 -8.10 2.24 3.27
C LEU A 273 -9.08 1.68 2.23
N PRO A 274 -8.80 1.88 0.93
CA PRO A 274 -9.78 1.37 -0.03
C PRO A 274 -9.91 -0.16 0.02
N GLU A 275 -8.83 -0.87 0.35
CA GLU A 275 -8.92 -2.32 0.43
C GLU A 275 -9.88 -2.74 1.55
N LEU A 276 -9.74 -2.09 2.70
CA LEU A 276 -10.55 -2.46 3.87
C LEU A 276 -12.00 -2.03 3.66
N LEU A 277 -12.21 -0.90 3.00
CA LEU A 277 -13.56 -0.40 2.73
C LEU A 277 -14.30 -1.27 1.70
N LYS A 278 -13.62 -1.66 0.64
CA LYS A 278 -14.24 -2.58 -0.31
C LYS A 278 -14.68 -3.87 0.36
N ASN A 279 -13.82 -4.39 1.25
CA ASN A 279 -14.13 -5.62 1.99
C ASN A 279 -15.39 -5.50 2.81
N ALA A 280 -15.48 -4.42 3.60
CA ALA A 280 -16.62 -4.20 4.47
C ALA A 280 -17.91 -4.05 3.65
N MET A 281 -17.81 -3.32 2.54
CA MET A 281 -18.98 -3.06 1.71
C MET A 281 -19.46 -4.31 0.96
N ARG A 282 -18.55 -5.08 0.38
CA ARG A 282 -18.91 -6.33 -0.27
C ARG A 282 -19.60 -7.26 0.74
N ALA A 283 -18.96 -7.43 1.90
CA ALA A 283 -19.53 -8.27 2.95
C ALA A 283 -20.94 -7.83 3.32
N THR A 284 -21.13 -6.53 3.50
CA THR A 284 -22.45 -6.00 3.84
C THR A 284 -23.48 -6.27 2.75
N MET A 285 -23.14 -6.03 1.49
CA MET A 285 -24.12 -6.23 0.42
C MET A 285 -24.44 -7.72 0.25
N GLU A 286 -23.42 -8.56 0.34
CA GLU A 286 -23.60 -9.99 0.08
C GLU A 286 -24.39 -10.67 1.18
N SER A 287 -24.45 -10.05 2.36
CA SER A 287 -25.23 -10.60 3.47
C SER A 287 -26.61 -9.94 3.59
N HIS A 288 -26.92 -9.04 2.66
CA HIS A 288 -28.22 -8.35 2.70
C HIS A 288 -28.91 -8.35 1.34
N LEU A 289 -28.81 -9.48 0.64
CA LEU A 289 -29.32 -9.57 -0.72
C LEU A 289 -30.83 -9.36 -0.81
N ASP A 290 -31.53 -9.57 0.30
CA ASP A 290 -32.98 -9.39 0.30
C ASP A 290 -33.38 -7.92 0.43
N THR A 291 -32.48 -7.12 0.99
CA THR A 291 -32.77 -5.71 1.22
C THR A 291 -31.61 -4.82 0.77
N PRO A 292 -31.28 -4.86 -0.53
CA PRO A 292 -30.13 -4.09 -1.00
C PRO A 292 -30.32 -2.59 -0.77
N TYR A 293 -31.57 -2.15 -0.66
CA TYR A 293 -31.93 -0.75 -0.53
C TYR A 293 -31.87 -0.26 0.92
N ASN A 294 -31.56 -1.18 1.83
CA ASN A 294 -31.54 -0.86 3.27
C ASN A 294 -30.55 -1.78 3.97
N VAL A 295 -29.27 -1.40 3.95
CA VAL A 295 -28.23 -2.19 4.59
C VAL A 295 -27.59 -1.41 5.75
N PRO A 296 -27.04 -2.13 6.74
CA PRO A 296 -26.49 -1.46 7.93
C PRO A 296 -25.23 -0.64 7.62
N ASP A 297 -25.08 0.49 8.28
CA ASP A 297 -23.95 1.38 8.05
C ASP A 297 -22.66 0.68 8.39
N VAL A 298 -21.60 1.09 7.72
CA VAL A 298 -20.24 0.78 8.19
C VAL A 298 -19.85 1.90 9.14
N VAL A 299 -19.23 1.54 10.25
CA VAL A 299 -18.91 2.54 11.25
C VAL A 299 -17.43 2.59 11.47
N ILE A 300 -16.84 3.76 11.31
CA ILE A 300 -15.39 3.90 11.44
C ILE A 300 -15.05 4.79 12.61
N THR A 301 -14.17 4.31 13.48
CA THR A 301 -13.76 5.08 14.65
C THR A 301 -12.30 5.45 14.56
N ILE A 302 -12.00 6.74 14.75
CA ILE A 302 -10.64 7.25 14.73
C ILE A 302 -10.17 7.48 16.16
N ALA A 303 -9.03 6.89 16.51
CA ALA A 303 -8.41 7.15 17.81
C ALA A 303 -7.02 7.69 17.59
N ASN A 304 -6.78 8.93 18.03
CA ASN A 304 -5.50 9.59 17.85
C ASN A 304 -4.83 9.79 19.20
N ASN A 305 -3.69 9.16 19.40
CA ASN A 305 -2.95 9.34 20.64
C ASN A 305 -1.51 9.70 20.33
N ASP A 306 -0.67 9.82 21.35
CA ASP A 306 0.72 10.23 21.12
C ASP A 306 1.61 9.17 20.49
N VAL A 307 1.18 7.91 20.54
CA VAL A 307 1.96 6.81 19.97
C VAL A 307 1.53 6.46 18.55
N ASP A 308 0.23 6.21 18.38
CA ASP A 308 -0.23 5.78 17.07
C ASP A 308 -1.60 6.38 16.72
N LEU A 309 -2.00 6.13 15.49
CA LEU A 309 -3.32 6.40 14.98
C LEU A 309 -4.01 5.07 14.78
N ILE A 310 -5.22 4.95 15.31
CA ILE A 310 -5.97 3.71 15.14
C ILE A 310 -7.22 4.04 14.34
N ILE A 311 -7.47 3.26 13.31
CA ILE A 311 -8.69 3.37 12.55
C ILE A 311 -9.41 2.04 12.61
N ARG A 312 -10.55 2.03 13.28
CA ARG A 312 -11.36 0.81 13.37
C ARG A 312 -12.50 0.90 12.37
N ILE A 313 -12.62 -0.14 11.55
CA ILE A 313 -13.68 -0.19 10.54
C ILE A 313 -14.59 -1.35 10.88
N SER A 314 -15.82 -1.04 11.28
CA SER A 314 -16.74 -2.05 11.81
C SER A 314 -17.94 -2.22 10.92
N ASP A 315 -18.19 -3.45 10.49
CA ASP A 315 -19.33 -3.69 9.62
C ASP A 315 -20.31 -4.66 10.26
N ARG A 316 -21.52 -4.69 9.71
CA ARG A 316 -22.49 -5.70 10.10
C ARG A 316 -22.71 -6.63 8.91
N GLY A 317 -21.60 -7.06 8.30
CA GLY A 317 -21.64 -7.88 7.10
C GLY A 317 -21.58 -9.38 7.33
N GLY A 318 -21.82 -9.82 8.57
CA GLY A 318 -21.98 -11.24 8.87
C GLY A 318 -20.75 -11.96 9.41
N GLY A 319 -19.59 -11.31 9.33
CA GLY A 319 -18.37 -11.88 9.88
C GLY A 319 -17.56 -12.72 8.91
N ILE A 320 -16.35 -13.08 9.33
CA ILE A 320 -15.52 -14.02 8.59
C ILE A 320 -15.73 -15.38 9.23
N ALA A 321 -16.23 -16.32 8.43
CA ALA A 321 -16.56 -17.64 8.94
C ALA A 321 -15.36 -18.36 9.55
N HIS A 322 -15.63 -19.14 10.60
CA HIS A 322 -14.58 -19.90 11.27
C HIS A 322 -13.72 -20.71 10.30
N LYS A 323 -14.34 -21.33 9.30
CA LYS A 323 -13.61 -22.16 8.35
C LYS A 323 -12.69 -21.35 7.43
N ASP A 324 -12.93 -20.04 7.35
CA ASP A 324 -12.14 -19.16 6.48
C ASP A 324 -11.12 -18.35 7.24
N LEU A 325 -11.30 -18.26 8.56
CA LEU A 325 -10.54 -17.30 9.36
C LEU A 325 -9.03 -17.44 9.21
N ASP A 326 -8.55 -18.69 9.19
CA ASP A 326 -7.11 -18.93 9.06
C ASP A 326 -6.60 -18.83 7.63
N ARG A 327 -7.48 -18.54 6.68
CA ARG A 327 -7.09 -18.42 5.27
C ARG A 327 -7.18 -16.99 4.71
N VAL A 328 -7.98 -16.13 5.34
CA VAL A 328 -8.20 -14.81 4.75
C VAL A 328 -6.93 -14.00 4.64
N MET A 329 -5.95 -14.21 5.52
CA MET A 329 -4.69 -13.47 5.40
C MET A 329 -3.71 -14.05 4.36
N ASP A 330 -4.10 -15.12 3.66
CA ASP A 330 -3.22 -15.71 2.65
C ASP A 330 -3.34 -14.96 1.35
N TYR A 331 -2.24 -14.69 0.68
CA TYR A 331 -2.33 -14.21 -0.69
C TYR A 331 -3.09 -15.23 -1.52
N HIS A 332 -3.90 -14.75 -2.46
CA HIS A 332 -4.68 -15.61 -3.35
C HIS A 332 -5.92 -16.27 -2.72
N PHE A 333 -6.16 -16.09 -1.43
CA PHE A 333 -7.41 -16.64 -0.90
C PHE A 333 -8.56 -15.65 -1.08
N THR A 334 -9.63 -16.07 -1.72
CA THR A 334 -10.75 -15.16 -1.91
C THR A 334 -12.01 -16.00 -1.97
N THR A 335 -13.10 -15.45 -1.46
CA THR A 335 -14.38 -16.14 -1.55
C THR A 335 -15.23 -15.62 -2.70
N ALA A 336 -14.71 -14.64 -3.45
CA ALA A 336 -15.46 -14.03 -4.55
C ALA A 336 -15.56 -14.95 -5.75
N GLY A 365 -10.97 -9.57 -7.54
CA GLY A 365 -9.53 -9.47 -7.41
C GLY A 365 -8.85 -10.82 -7.23
N PHE A 366 -7.58 -10.79 -6.83
CA PHE A 366 -6.79 -12.00 -6.65
C PHE A 366 -6.81 -12.48 -5.20
N GLY A 367 -7.47 -11.71 -4.33
CA GLY A 367 -7.45 -11.99 -2.90
C GLY A 367 -6.18 -11.45 -2.25
N PHE A 368 -5.88 -10.19 -2.50
CA PHE A 368 -4.62 -9.59 -2.05
C PHE A 368 -4.86 -8.50 -1.00
N GLY A 369 -6.09 -8.00 -0.91
CA GLY A 369 -6.35 -6.87 -0.04
C GLY A 369 -5.87 -6.98 1.39
N LEU A 370 -6.17 -8.09 2.06
CA LEU A 370 -5.78 -8.25 3.47
C LEU A 370 -4.28 -8.49 3.69
N PRO A 371 -3.71 -9.51 3.01
CA PRO A 371 -2.28 -9.77 3.23
C PRO A 371 -1.43 -8.58 2.82
N THR A 372 -1.78 -7.91 1.73
CA THR A 372 -1.00 -6.75 1.33
C THR A 372 -1.12 -5.62 2.38
N SER A 373 -2.34 -5.34 2.82
CA SER A 373 -2.57 -4.29 3.82
C SER A 373 -1.85 -4.58 5.13
N ARG A 374 -1.88 -5.83 5.57
CA ARG A 374 -1.16 -6.16 6.79
C ARG A 374 0.36 -6.02 6.60
N ALA A 375 0.87 -6.47 5.46
CA ALA A 375 2.31 -6.35 5.20
C ALA A 375 2.73 -4.90 5.23
N TYR A 376 1.95 -4.04 4.57
CA TYR A 376 2.27 -2.62 4.54
C TYR A 376 2.20 -2.02 5.95
N ALA A 377 1.15 -2.31 6.71
CA ALA A 377 1.05 -1.76 8.06
C ALA A 377 2.25 -2.14 8.91
N GLU A 378 2.59 -3.43 8.89
CA GLU A 378 3.70 -3.92 9.71
C GLU A 378 5.04 -3.33 9.25
N TYR A 379 5.22 -3.23 7.93
CA TYR A 379 6.43 -2.62 7.37
C TYR A 379 6.67 -1.23 7.95
N LEU A 380 5.59 -0.51 8.18
CA LEU A 380 5.67 0.86 8.68
C LEU A 380 5.63 0.95 10.21
N GLY A 381 5.67 -0.19 10.89
CA GLY A 381 5.72 -0.17 12.33
C GLY A 381 4.34 -0.26 12.95
N GLY A 382 3.34 -0.55 12.11
CA GLY A 382 1.97 -0.63 12.57
C GLY A 382 1.45 -2.05 12.60
N SER A 383 0.13 -2.22 12.49
CA SER A 383 -0.44 -3.56 12.45
C SER A 383 -1.83 -3.54 11.87
N LEU A 384 -2.32 -4.71 11.49
CA LEU A 384 -3.69 -4.85 11.01
C LEU A 384 -4.27 -6.08 11.66
N GLN A 385 -5.33 -5.90 12.44
CA GLN A 385 -5.89 -6.98 13.23
C GLN A 385 -7.39 -7.13 12.95
N LEU A 386 -7.87 -8.37 12.92
CA LEU A 386 -9.28 -8.64 12.61
C LEU A 386 -9.98 -9.24 13.81
N GLN A 387 -11.22 -8.82 14.05
CA GLN A 387 -12.06 -9.47 15.06
C GLN A 387 -13.35 -9.86 14.37
N SER A 388 -13.57 -11.16 14.23
CA SER A 388 -14.77 -11.68 13.57
C SER A 388 -15.86 -12.01 14.60
N LEU A 389 -17.04 -11.44 14.40
CA LEU A 389 -18.22 -11.84 15.15
C LEU A 389 -19.12 -12.65 14.22
N GLN A 390 -18.85 -13.96 14.10
CA GLN A 390 -19.55 -14.77 13.10
C GLN A 390 -21.06 -14.71 13.31
N GLY A 391 -21.77 -14.35 12.25
CA GLY A 391 -23.21 -14.18 12.31
C GLY A 391 -23.62 -12.72 12.42
N ILE A 392 -22.65 -11.86 12.72
CA ILE A 392 -22.97 -10.44 12.91
C ILE A 392 -22.14 -9.52 12.00
N GLY A 393 -20.82 -9.59 12.11
CA GLY A 393 -19.99 -8.65 11.38
C GLY A 393 -18.53 -8.76 11.76
N THR A 394 -17.72 -7.84 11.26
CA THR A 394 -16.28 -7.86 11.47
C THR A 394 -15.81 -6.48 11.88
N ASP A 395 -14.86 -6.44 12.82
CA ASP A 395 -14.16 -5.22 13.20
C ASP A 395 -12.73 -5.34 12.71
N VAL A 396 -12.29 -4.39 11.91
CA VAL A 396 -10.92 -4.40 11.42
C VAL A 396 -10.17 -3.20 12.00
N TYR A 397 -9.00 -3.47 12.56
CA TYR A 397 -8.26 -2.42 13.27
C TYR A 397 -6.94 -2.17 12.56
N LEU A 398 -6.82 -0.99 11.98
CA LEU A 398 -5.59 -0.55 11.38
C LEU A 398 -4.88 0.38 12.34
N ARG A 399 -3.64 0.03 12.68
CA ARG A 399 -2.83 0.87 13.55
C ARG A 399 -1.58 1.30 12.80
N LEU A 400 -1.28 2.59 12.83
CA LEU A 400 -0.08 3.11 12.17
C LEU A 400 0.60 4.07 13.13
N ARG A 401 1.91 3.94 13.28
CA ARG A 401 2.65 4.79 14.20
C ARG A 401 2.72 6.23 13.73
N HIS A 402 2.72 7.17 14.67
CA HIS A 402 2.89 8.57 14.32
C HIS A 402 4.30 8.86 13.83
N ILE A 403 4.46 9.98 13.15
CA ILE A 403 5.76 10.42 12.67
C ILE A 403 6.59 10.98 13.83
N ASP A 404 7.87 10.62 13.88
CA ASP A 404 8.72 11.10 14.96
C ASP A 404 9.45 12.39 14.59
N GLY A 405 9.38 13.37 15.49
CA GLY A 405 10.04 14.64 15.30
C GLY A 405 11.11 14.89 16.35
CL1 0F1 B . 13.22 5.37 -9.44
C2 0F1 B . 12.45 3.77 -9.24
C1 0F1 B . 13.30 2.67 -9.19
C6 0F1 B . 12.79 1.39 -9.04
C3 0F1 B . 11.06 3.68 -9.13
C4 0F1 B . 10.51 2.43 -8.98
C5 0F1 B . 11.41 1.27 -8.92
C8 0F1 B . 10.61 0.05 -8.75
CL2 0F1 B . 11.45 -1.58 -8.65
S 0F1 B . 8.94 2.02 -8.81
C7 0F1 B . 9.16 0.36 -8.67
C9 0F1 B . 8.11 -0.68 -8.51
O1 0F1 B . 6.94 -0.29 -8.31
O2 0F1 B . 8.40 -1.89 -8.60
MG MG C . -10.35 -7.33 -0.60
K K D . -6.67 -12.96 0.94
PG ANP E . -9.17 -8.43 -3.35
O1G ANP E . -9.91 -7.42 -4.31
O2G ANP E . -8.87 -7.81 -2.15
O3G ANP E . -7.81 -8.85 -3.97
PB ANP E . -10.62 -10.21 -1.70
O1B ANP E . -11.47 -11.49 -1.77
O2B ANP E . -11.55 -9.12 -1.13
N3B ANP E . -10.13 -9.81 -3.18
PA ANP E . -9.10 -9.95 0.69
O1A ANP E . -7.74 -10.31 1.05
O2A ANP E . -9.19 -8.49 0.91
O3A ANP E . -9.32 -10.45 -0.79
O5' ANP E . -10.10 -10.65 1.61
C5' ANP E . -10.20 -12.08 1.60
C4' ANP E . -11.51 -12.67 2.08
O4' ANP E . -11.79 -12.25 3.42
C3' ANP E . -12.68 -12.16 1.30
O3' ANP E . -12.83 -12.69 0.03
C2' ANP E . -13.77 -12.49 2.18
O2' ANP E . -14.13 -13.84 2.14
C1' ANP E . -13.21 -12.17 3.52
N9 ANP E . -13.27 -10.84 4.15
C8 ANP E . -12.42 -9.80 4.18
N7 ANP E . -13.00 -8.79 4.87
C5 ANP E . -14.22 -9.21 5.26
C6 ANP E . -15.27 -8.62 6.00
N6 ANP E . -15.15 -7.27 6.51
N1 ANP E . -16.39 -9.32 6.22
C2 ANP E . -16.54 -10.56 5.74
N3 ANP E . -15.56 -11.15 5.03
C4 ANP E . -14.40 -10.50 4.79
#